data_3L2R
#
_entry.id   3L2R
#
_cell.length_a   158.480
_cell.length_b   158.480
_cell.length_c   124.190
_cell.angle_alpha   90.000
_cell.angle_beta   90.000
_cell.angle_gamma   90.000
#
_symmetry.space_group_name_H-M   'P 41 21 2'
#
loop_
_entity.id
_entity.type
_entity.pdbx_description
1 polymer Integrase
2 polymer "5'-D(*AP*TP*TP*GP*TP*CP*AP*TP*GP*GP*AP*AP*TP*TP*TP*TP*GP*TP*A)-3'"
3 polymer "5'-D(*TP*AP*CP*AP*AP*AP*AP*TP*TP*CP*CP*AP*TP*GP*AP*CP*A)-3'"
4 non-polymer 'ZINC ION'
5 non-polymer 'MAGNESIUM ION'
6 non-polymer 'AMMONIUM ION'
7 non-polymer GLYCEROL
8 water water
#
loop_
_entity_poly.entity_id
_entity_poly.type
_entity_poly.pdbx_seq_one_letter_code
_entity_poly.pdbx_strand_id
1 'polypeptide(L)'
;GPGCNTKKPNLDAELDQLLQGHYIKGYPKQYTYFLEDGKVKVSRPEGVKIIPPQSDRQKIVLQAHNLAHTGREATLLKIA
NLYWWPNMRKDVVKQLGRCQQCLITNASNKASGPILRPDRPQKPFDKFFIDYIGPLPPSQGYLYVLVVVDGMTGFTWLYP
TKAPSTSATVKSLNVLTSIAIPKVIHSDQGAAFTSSTFAEWAKERGIHLEFSTPYHPQSSGKVERKNSDIKRLLTKLLVG
RPTKWYDLLPVVQLALNNTYSPVLKYTPHQLLFGIDSNTPFANQDTLDLTREEELSLLQEIRTSLYHPSTPPASSRSWSP
VVGQLVQERVARPASLRPRWHKPSTVLKVLNPRTVVILDHLGNNRTVSIDNLKPTSHQNGTTNDTATMDHLEKNE
;
A,B
2 'polydeoxyribonucleotide' (DA)(DT)(DT)(DG)(DT)(DC)(DA)(DT)(DG)(DG)(DA)(DA)(DT)(DT)(DT)(DT)(DG)(DT)(DA) C
3 'polydeoxyribonucleotide' (DT)(DA)(DC)(DA)(DA)(DA)(DA)(DT)(DT)(DC)(DC)(DA)(DT)(DG)(DA)(DC)(DA) D
#
loop_
_chem_comp.id
_chem_comp.type
_chem_comp.name
_chem_comp.formula
DA DNA linking 2'-DEOXYADENOSINE-5'-MONOPHOSPHATE 'C10 H14 N5 O6 P'
DC DNA linking 2'-DEOXYCYTIDINE-5'-MONOPHOSPHATE 'C9 H14 N3 O7 P'
DG DNA linking 2'-DEOXYGUANOSINE-5'-MONOPHOSPHATE 'C10 H14 N5 O7 P'
DT DNA linking THYMIDINE-5'-MONOPHOSPHATE 'C10 H15 N2 O8 P'
GOL non-polymer GLYCEROL 'C3 H8 O3'
MG non-polymer 'MAGNESIUM ION' 'Mg 2'
NH4 non-polymer 'AMMONIUM ION' 'H4 N 1'
ZN non-polymer 'ZINC ION' 'Zn 2'
#
# COMPACT_ATOMS: atom_id res chain seq x y z
N ALA A 13 35.79 -38.98 39.57
CA ALA A 13 36.58 -38.12 40.49
C ALA A 13 35.68 -37.51 41.56
N GLU A 14 34.77 -36.64 41.13
CA GLU A 14 33.77 -36.02 42.02
C GLU A 14 32.70 -37.01 42.47
N LEU A 15 32.56 -38.11 41.72
CA LEU A 15 31.64 -39.18 42.11
C LEU A 15 32.21 -40.06 43.21
N ASP A 16 33.55 -40.09 43.32
CA ASP A 16 34.23 -40.87 44.35
C ASP A 16 33.69 -40.48 45.74
N GLN A 17 33.65 -39.18 46.01
CA GLN A 17 33.28 -38.65 47.33
C GLN A 17 31.97 -39.21 47.87
N LEU A 18 31.03 -39.42 46.96
CA LEU A 18 29.62 -39.66 47.26
C LEU A 18 29.33 -40.97 48.00
N LEU A 19 29.80 -42.09 47.44
CA LEU A 19 29.60 -43.43 48.00
C LEU A 19 30.21 -43.52 49.40
N GLN A 20 31.20 -42.67 49.64
CA GLN A 20 31.86 -42.56 50.93
C GLN A 20 31.05 -41.74 51.93
N GLY A 21 29.88 -41.29 51.50
CA GLY A 21 28.89 -40.67 52.38
C GLY A 21 29.04 -39.18 52.65
N HIS A 22 30.08 -38.56 52.09
CA HIS A 22 30.29 -37.12 52.23
C HIS A 22 29.34 -36.32 51.30
N TYR A 23 29.01 -35.09 51.67
CA TYR A 23 27.99 -34.31 50.94
C TYR A 23 28.55 -33.55 49.73
N ILE A 24 27.77 -33.45 48.65
CA ILE A 24 28.10 -32.55 47.53
C ILE A 24 26.93 -31.64 47.15
N LYS A 25 27.20 -30.33 47.06
CA LYS A 25 26.19 -29.37 46.60
C LYS A 25 25.52 -29.94 45.36
N GLY A 26 24.22 -30.15 45.45
CA GLY A 26 23.45 -30.70 44.35
C GLY A 26 22.88 -32.07 44.65
N TYR A 27 23.74 -32.96 45.14
CA TYR A 27 23.32 -34.33 45.43
C TYR A 27 22.75 -34.42 46.82
N PRO A 28 21.43 -34.59 46.94
CA PRO A 28 20.79 -34.62 48.26
C PRO A 28 21.21 -35.85 49.03
N LYS A 29 21.32 -35.71 50.35
CA LYS A 29 21.47 -36.84 51.26
C LYS A 29 20.07 -37.44 51.43
N GLN A 30 19.96 -38.54 52.18
CA GLN A 30 18.71 -39.29 52.41
C GLN A 30 18.48 -40.37 51.35
N TYR A 31 19.09 -40.18 50.17
CA TYR A 31 19.13 -41.22 49.16
C TYR A 31 20.48 -41.89 49.28
N THR A 32 20.51 -43.21 49.28
CA THR A 32 21.79 -43.92 49.30
C THR A 32 22.32 -44.16 47.89
N TYR A 33 23.63 -43.93 47.73
CA TYR A 33 24.33 -43.95 46.46
C TYR A 33 25.28 -45.13 46.47
N PHE A 34 25.15 -46.04 45.52
CA PHE A 34 25.96 -47.25 45.57
C PHE A 34 26.59 -47.62 44.25
N LEU A 35 27.49 -48.61 44.31
CA LEU A 35 28.23 -49.09 43.16
C LEU A 35 27.68 -50.42 42.68
N GLU A 36 27.50 -50.55 41.37
CA GLU A 36 27.06 -51.78 40.70
C GLU A 36 27.51 -51.71 39.25
N ASP A 37 28.13 -52.78 38.76
CA ASP A 37 28.59 -52.88 37.36
C ASP A 37 29.59 -51.77 36.99
N GLY A 38 30.33 -51.28 37.98
CA GLY A 38 31.28 -50.19 37.74
C GLY A 38 30.62 -48.84 37.49
N LYS A 39 29.29 -48.79 37.56
CA LYS A 39 28.51 -47.55 37.45
C LYS A 39 28.00 -47.10 38.83
N VAL A 40 27.87 -45.80 39.03
CA VAL A 40 27.38 -45.28 40.30
C VAL A 40 25.88 -45.16 40.21
N LYS A 41 25.17 -45.65 41.22
CA LYS A 41 23.71 -45.68 41.15
C LYS A 41 23.05 -45.01 42.33
N VAL A 42 21.79 -44.66 42.17
CA VAL A 42 21.02 -44.06 43.25
C VAL A 42 19.59 -44.56 43.28
N SER A 43 19.13 -44.83 44.50
CA SER A 43 17.75 -45.25 44.77
C SER A 43 16.84 -44.02 44.88
N ARG A 44 15.83 -43.95 44.02
CA ARG A 44 14.94 -42.78 44.00
C ARG A 44 13.46 -43.18 43.93
N PRO A 45 12.57 -42.33 44.50
CA PRO A 45 11.14 -42.59 44.40
C PRO A 45 10.76 -43.20 43.05
N GLU A 46 11.13 -42.51 41.96
CA GLU A 46 10.96 -43.04 40.60
C GLU A 46 11.49 -44.49 40.42
N GLY A 47 12.66 -44.77 40.99
CA GLY A 47 13.34 -46.07 40.79
C GLY A 47 14.84 -45.96 41.02
N VAL A 48 15.60 -46.90 40.46
CA VAL A 48 17.06 -46.87 40.61
C VAL A 48 17.67 -46.32 39.32
N LYS A 49 18.49 -45.27 39.46
CA LYS A 49 19.00 -44.57 38.28
C LYS A 49 20.50 -44.47 38.31
N ILE A 50 21.12 -44.38 37.14
CA ILE A 50 22.56 -44.23 37.05
C ILE A 50 22.96 -42.76 37.09
N ILE A 51 23.98 -42.43 37.87
CA ILE A 51 24.51 -41.08 37.86
C ILE A 51 25.78 -41.08 37.05
N PRO A 52 25.73 -40.53 35.84
CA PRO A 52 26.95 -40.50 35.07
C PRO A 52 27.90 -39.44 35.57
N PRO A 53 29.23 -39.65 35.39
CA PRO A 53 30.26 -38.63 35.55
C PRO A 53 29.88 -37.36 34.80
N GLN A 54 30.30 -36.19 35.28
CA GLN A 54 29.94 -34.95 34.62
C GLN A 54 30.46 -34.88 33.18
N SER A 55 31.58 -35.55 32.92
CA SER A 55 32.19 -35.53 31.59
C SER A 55 31.41 -36.34 30.55
N ASP A 56 30.42 -37.10 31.01
CA ASP A 56 29.58 -37.92 30.14
C ASP A 56 28.23 -37.29 29.81
N ARG A 57 27.83 -36.33 30.64
CA ARG A 57 26.47 -35.82 30.64
C ARG A 57 26.07 -35.08 29.35
N GLN A 58 26.99 -34.26 28.83
CA GLN A 58 26.74 -33.58 27.58
C GLN A 58 26.44 -34.58 26.47
N LYS A 59 27.27 -35.63 26.36
CA LYS A 59 27.09 -36.68 25.37
C LYS A 59 25.76 -37.38 25.54
N ILE A 60 25.39 -37.69 26.79
CA ILE A 60 24.14 -38.38 27.04
C ILE A 60 22.95 -37.54 26.57
N VAL A 61 22.96 -36.25 26.93
CA VAL A 61 21.87 -35.35 26.60
C VAL A 61 21.73 -35.25 25.09
N LEU A 62 22.88 -35.29 24.42
CA LEU A 62 22.93 -35.18 23.01
C LEU A 62 22.35 -36.39 22.35
N GLN A 63 22.63 -37.57 22.87
CA GLN A 63 22.10 -38.81 22.30
C GLN A 63 20.59 -38.89 22.43
N ALA A 64 20.09 -38.49 23.61
CA ALA A 64 18.67 -38.47 23.83
C ALA A 64 18.07 -37.49 22.86
N HIS A 65 18.55 -36.24 22.85
CA HIS A 65 17.96 -35.25 21.95
C HIS A 65 18.04 -35.69 20.50
N ASN A 66 19.08 -36.41 20.12
CA ASN A 66 19.25 -36.65 18.70
C ASN A 66 18.28 -37.66 18.08
N LEU A 67 17.72 -38.55 18.91
CA LEU A 67 16.85 -39.63 18.41
C LEU A 67 15.72 -39.05 17.57
N ALA A 68 15.08 -37.98 18.02
CA ALA A 68 14.03 -37.35 17.23
C ALA A 68 14.06 -35.84 17.25
N HIS A 69 15.13 -35.27 17.81
CA HIS A 69 15.29 -33.82 17.98
C HIS A 69 14.15 -33.25 18.77
N THR A 70 13.91 -33.88 19.92
CA THR A 70 12.83 -33.47 20.81
C THR A 70 13.18 -32.25 21.66
N GLY A 71 12.17 -31.50 22.07
CA GLY A 71 12.35 -30.37 22.99
C GLY A 71 12.66 -30.78 24.43
N ARG A 72 12.45 -29.85 25.36
CA ARG A 72 12.84 -30.04 26.76
C ARG A 72 12.26 -31.29 27.38
N GLU A 73 10.95 -31.32 27.64
CA GLU A 73 10.36 -32.43 28.37
C GLU A 73 10.50 -33.78 27.67
N ALA A 74 10.21 -33.81 26.38
CA ALA A 74 10.36 -35.05 25.65
C ALA A 74 11.81 -35.56 25.69
N THR A 75 12.78 -34.68 25.48
CA THR A 75 14.18 -35.09 25.70
C THR A 75 14.42 -35.56 27.14
N LEU A 76 13.97 -34.78 28.12
CA LEU A 76 14.13 -35.19 29.51
C LEU A 76 13.49 -36.56 29.87
N LEU A 77 12.30 -36.84 29.37
CA LEU A 77 11.67 -38.13 29.68
C LEU A 77 12.47 -39.33 29.20
N LYS A 78 13.21 -39.18 28.11
CA LYS A 78 14.09 -40.24 27.68
C LYS A 78 15.16 -40.42 28.73
N ILE A 79 15.95 -39.38 28.92
CA ILE A 79 17.11 -39.46 29.80
C ILE A 79 16.73 -40.02 31.18
N ALA A 80 15.57 -39.60 31.69
CA ALA A 80 15.14 -40.00 33.02
C ALA A 80 14.84 -41.50 33.09
N ASN A 81 14.66 -42.15 31.95
CA ASN A 81 14.53 -43.60 31.99
C ASN A 81 15.72 -44.31 32.60
N LEU A 82 16.91 -43.77 32.40
CA LEU A 82 18.11 -44.46 32.82
C LEU A 82 18.91 -43.68 33.82
N TYR A 83 18.92 -42.35 33.68
CA TYR A 83 19.85 -41.57 34.48
C TYR A 83 19.20 -40.62 35.45
N TRP A 84 19.97 -40.24 36.46
CA TRP A 84 19.66 -39.08 37.29
C TRP A 84 20.92 -38.27 37.57
N TRP A 85 20.78 -36.96 37.66
CA TRP A 85 21.83 -36.09 38.13
C TRP A 85 21.26 -34.70 38.44
N PRO A 86 22.02 -33.86 39.18
CA PRO A 86 21.44 -32.60 39.64
C PRO A 86 21.24 -31.65 38.49
N ASN A 87 20.02 -31.12 38.41
CA ASN A 87 19.62 -30.11 37.44
C ASN A 87 19.71 -30.62 36.02
N MET A 88 18.97 -31.65 35.72
CA MET A 88 18.99 -32.24 34.40
C MET A 88 18.47 -31.30 33.31
N ARG A 89 17.37 -30.62 33.57
CA ARG A 89 16.86 -29.75 32.53
C ARG A 89 17.83 -28.63 32.22
N LYS A 90 18.60 -28.17 33.22
CA LYS A 90 19.60 -27.12 32.94
C LYS A 90 20.53 -27.59 31.80
N ASP A 91 21.07 -28.80 31.93
CA ASP A 91 21.86 -29.41 30.86
C ASP A 91 21.04 -29.67 29.57
N VAL A 92 19.78 -30.10 29.71
CA VAL A 92 18.96 -30.35 28.51
C VAL A 92 18.86 -29.06 27.73
N VAL A 93 18.52 -27.98 28.42
CA VAL A 93 18.28 -26.71 27.75
C VAL A 93 19.55 -26.20 27.09
N LYS A 94 20.71 -26.56 27.63
CA LYS A 94 21.95 -26.11 26.99
C LYS A 94 22.08 -26.72 25.59
N GLN A 95 21.79 -28.01 25.40
CA GLN A 95 21.88 -28.59 24.05
C GLN A 95 20.88 -27.96 23.12
N LEU A 96 19.62 -27.92 23.54
CA LEU A 96 18.58 -27.37 22.71
C LEU A 96 19.00 -26.02 22.13
N GLY A 97 19.63 -25.15 22.92
CA GLY A 97 20.10 -23.87 22.43
C GLY A 97 21.26 -23.94 21.45
N ARG A 98 21.95 -25.08 21.41
CA ARG A 98 23.05 -25.26 20.46
C ARG A 98 22.70 -26.19 19.31
N CYS A 99 21.44 -26.62 19.20
CA CYS A 99 21.08 -27.49 18.09
C CYS A 99 20.69 -26.68 16.88
N GLN A 100 21.63 -26.53 15.96
CA GLN A 100 21.43 -25.71 14.76
C GLN A 100 20.14 -26.12 14.09
N GLN A 101 19.92 -27.42 13.91
CA GLN A 101 18.72 -27.95 13.27
C GLN A 101 17.41 -27.64 13.99
N CYS A 102 17.35 -27.87 15.29
CA CYS A 102 16.13 -27.52 16.00
C CYS A 102 15.85 -26.03 15.91
N LEU A 103 16.92 -25.23 15.88
CA LEU A 103 16.75 -23.77 15.87
C LEU A 103 16.17 -23.25 14.59
N ILE A 104 16.59 -23.83 13.47
CA ILE A 104 16.15 -23.29 12.20
C ILE A 104 14.89 -23.96 11.66
N THR A 105 14.39 -24.97 12.37
CA THR A 105 13.25 -25.78 11.87
C THR A 105 12.00 -25.67 12.71
N ASN A 106 12.15 -25.62 14.02
CA ASN A 106 11.02 -25.45 14.91
C ASN A 106 10.21 -24.16 14.68
N ALA A 107 8.90 -24.27 14.81
CA ALA A 107 8.00 -23.14 14.92
C ALA A 107 8.23 -22.33 16.20
N SER A 108 7.82 -21.06 16.16
CA SER A 108 7.77 -20.17 17.31
C SER A 108 6.56 -20.44 18.17
N ASN A 109 6.67 -20.32 19.48
CA ASN A 109 5.41 -20.37 20.21
C ASN A 109 5.12 -19.05 20.90
N LYS A 110 5.53 -17.95 20.28
CA LYS A 110 5.27 -16.61 20.81
C LYS A 110 4.84 -15.63 19.72
N ALA A 111 3.70 -14.99 19.93
CA ALA A 111 3.12 -14.04 19.01
C ALA A 111 3.87 -12.71 18.97
N SER A 112 3.75 -12.00 17.84
CA SER A 112 4.23 -10.62 17.75
C SER A 112 3.39 -9.77 18.66
N GLY A 113 3.95 -8.63 19.08
CA GLY A 113 3.21 -7.65 19.84
C GLY A 113 2.06 -7.14 19.00
N PRO A 114 1.21 -6.30 19.58
CA PRO A 114 0.08 -5.70 18.92
C PRO A 114 0.48 -4.85 17.72
N ILE A 115 -0.26 -4.95 16.63
CA ILE A 115 -0.02 -4.10 15.46
C ILE A 115 -0.11 -2.63 15.83
N LEU A 116 0.64 -1.80 15.10
CA LEU A 116 0.52 -0.33 15.16
C LEU A 116 -0.56 0.15 14.22
N ARG A 117 -1.07 1.34 14.46
CA ARG A 117 -2.10 1.86 13.61
C ARG A 117 -1.66 3.23 13.18
N PRO A 118 -0.77 3.28 12.17
CA PRO A 118 -0.07 4.50 11.75
C PRO A 118 -1.08 5.59 11.46
N ASP A 119 -0.72 6.82 11.80
CA ASP A 119 -1.60 7.96 11.61
C ASP A 119 -2.07 8.09 10.20
N ARG A 120 -3.35 8.40 10.01
CA ARG A 120 -3.87 8.78 8.71
C ARG A 120 -3.05 9.96 8.20
N PRO A 121 -2.65 9.92 6.93
CA PRO A 121 -1.95 11.09 6.36
C PRO A 121 -2.79 12.35 6.54
N GLN A 122 -2.14 13.50 6.76
CA GLN A 122 -2.87 14.70 7.16
C GLN A 122 -3.73 15.21 6.00
N LYS A 123 -3.19 15.24 4.79
CA LYS A 123 -3.96 15.72 3.66
C LYS A 123 -3.84 14.85 2.43
N PRO A 124 -4.82 14.97 1.49
CA PRO A 124 -4.70 14.23 0.24
C PRO A 124 -3.38 14.55 -0.42
N PHE A 125 -2.90 13.57 -1.18
CA PHE A 125 -1.63 13.68 -1.91
C PHE A 125 -0.34 13.64 -1.06
N ASP A 126 -0.49 13.55 0.26
CA ASP A 126 0.62 13.35 1.18
C ASP A 126 1.28 12.02 0.94
N LYS A 127 0.48 10.97 0.77
CA LYS A 127 0.99 9.60 0.61
C LYS A 127 0.10 8.78 -0.31
N PHE A 128 0.71 8.20 -1.34
CA PHE A 128 0.02 7.23 -2.15
C PHE A 128 0.48 5.84 -1.78
N PHE A 129 -0.48 4.93 -1.66
CA PHE A 129 -0.22 3.48 -1.57
C PHE A 129 -0.49 2.80 -2.93
N ILE A 130 0.43 1.96 -3.39
CA ILE A 130 0.25 1.35 -4.69
C ILE A 130 0.66 -0.12 -4.79
N ASP A 131 -0.09 -0.86 -5.58
CA ASP A 131 0.09 -2.30 -5.69
C ASP A 131 -0.50 -2.76 -7.02
N TYR A 132 -0.07 -3.95 -7.46
CA TYR A 132 -0.67 -4.58 -8.58
C TYR A 132 -1.51 -5.72 -8.04
N ILE A 133 -2.71 -5.84 -8.60
CA ILE A 133 -3.55 -7.04 -8.54
C ILE A 133 -3.27 -7.83 -9.82
N GLY A 134 -3.29 -9.17 -9.70
CA GLY A 134 -3.26 -10.05 -10.86
C GLY A 134 -2.22 -11.14 -10.72
N PRO A 135 -2.09 -12.02 -11.73
CA PRO A 135 -2.79 -12.04 -13.02
C PRO A 135 -4.28 -12.32 -12.89
N LEU A 136 -5.06 -11.64 -13.72
CA LEU A 136 -6.48 -11.89 -13.85
C LEU A 136 -6.70 -12.63 -15.17
N PRO A 137 -7.88 -13.25 -15.38
CA PRO A 137 -8.14 -13.79 -16.72
C PRO A 137 -7.97 -12.72 -17.80
N PRO A 138 -7.24 -13.04 -18.88
CA PRO A 138 -7.03 -12.06 -19.93
C PRO A 138 -8.30 -11.33 -20.30
N SER A 139 -8.19 -10.01 -20.35
CA SER A 139 -9.24 -9.14 -20.87
C SER A 139 -8.64 -8.09 -21.81
N GLN A 140 -9.05 -8.13 -23.08
CA GLN A 140 -8.54 -7.22 -24.12
C GLN A 140 -7.00 -7.20 -24.20
N GLY A 141 -6.37 -8.27 -23.73
CA GLY A 141 -4.92 -8.39 -23.73
C GLY A 141 -4.29 -7.95 -22.41
N TYR A 142 -5.13 -7.54 -21.46
CA TYR A 142 -4.64 -7.04 -20.18
C TYR A 142 -4.74 -8.10 -19.09
N LEU A 143 -3.79 -8.11 -18.17
CA LEU A 143 -3.77 -9.13 -17.12
C LEU A 143 -3.69 -8.56 -15.71
N TYR A 144 -3.21 -7.34 -15.56
CA TYR A 144 -3.00 -6.82 -14.22
C TYR A 144 -3.69 -5.48 -13.99
N VAL A 145 -3.84 -5.08 -12.73
CA VAL A 145 -4.36 -3.76 -12.45
C VAL A 145 -3.39 -3.06 -11.52
N LEU A 146 -3.03 -1.84 -11.90
CA LEU A 146 -2.34 -0.94 -11.01
C LEU A 146 -3.37 -0.22 -10.15
N VAL A 147 -3.18 -0.31 -8.84
CA VAL A 147 -4.13 0.24 -7.92
C VAL A 147 -3.37 1.26 -7.13
N VAL A 148 -3.87 2.49 -7.12
CA VAL A 148 -3.26 3.58 -6.42
C VAL A 148 -4.30 4.15 -5.44
N VAL A 149 -3.96 4.23 -4.16
CA VAL A 149 -4.90 4.73 -3.17
C VAL A 149 -4.31 5.90 -2.47
N ASP A 150 -5.04 7.00 -2.41
CA ASP A 150 -4.60 8.11 -1.58
C ASP A 150 -4.81 7.74 -0.13
N GLY A 151 -3.75 7.80 0.66
CA GLY A 151 -3.79 7.46 2.08
C GLY A 151 -4.85 8.23 2.84
N MET A 152 -4.90 9.53 2.62
CA MET A 152 -5.76 10.36 3.45
C MET A 152 -7.22 10.08 3.15
N THR A 153 -7.55 10.02 1.87
CA THR A 153 -8.93 10.05 1.44
C THR A 153 -9.49 8.69 1.10
N GLY A 154 -8.63 7.74 0.81
CA GLY A 154 -9.07 6.47 0.26
C GLY A 154 -9.36 6.52 -1.23
N PHE A 155 -9.33 7.70 -1.85
CA PHE A 155 -9.60 7.82 -3.29
C PHE A 155 -8.65 6.93 -4.07
N THR A 156 -9.18 6.21 -5.04
CA THR A 156 -8.45 5.18 -5.76
C THR A 156 -8.52 5.31 -7.28
N TRP A 157 -7.37 5.19 -7.92
CA TRP A 157 -7.34 5.20 -9.36
C TRP A 157 -6.96 3.81 -9.80
N LEU A 158 -7.57 3.35 -10.89
CA LEU A 158 -7.29 2.01 -11.42
C LEU A 158 -6.73 2.06 -12.83
N TYR A 159 -5.63 1.35 -13.05
CA TYR A 159 -5.08 1.26 -14.39
C TYR A 159 -4.85 -0.19 -14.77
N PRO A 160 -5.36 -0.62 -15.95
CA PRO A 160 -5.13 -1.99 -16.42
C PRO A 160 -3.77 -2.11 -17.11
N THR A 161 -2.99 -3.13 -16.77
CA THR A 161 -1.71 -3.34 -17.46
C THR A 161 -1.55 -4.76 -18.02
N LYS A 162 -0.57 -4.91 -18.89
CA LYS A 162 -0.27 -6.19 -19.50
C LYS A 162 0.77 -6.94 -18.68
N ALA A 163 1.50 -6.21 -17.84
CA ALA A 163 2.47 -6.82 -16.92
C ALA A 163 2.65 -5.91 -15.72
N PRO A 164 3.11 -6.45 -14.56
CA PRO A 164 3.32 -5.58 -13.40
C PRO A 164 4.69 -4.97 -13.44
N SER A 165 4.93 -4.14 -14.47
CA SER A 165 6.26 -3.65 -14.82
C SER A 165 6.50 -2.20 -14.48
N THR A 166 7.77 -1.81 -14.47
CA THR A 166 8.12 -0.42 -14.23
C THR A 166 7.55 0.42 -15.33
N SER A 167 7.72 0.03 -16.58
CA SER A 167 7.25 0.89 -17.67
C SER A 167 5.74 1.10 -17.59
N ALA A 168 5.01 0.06 -17.22
CA ALA A 168 3.57 0.19 -17.10
C ALA A 168 3.23 1.15 -15.99
N THR A 169 4.00 1.09 -14.90
CA THR A 169 3.76 1.92 -13.74
C THR A 169 4.04 3.36 -14.06
N VAL A 170 5.13 3.58 -14.76
CA VAL A 170 5.51 4.91 -15.15
C VAL A 170 4.48 5.49 -16.11
N LYS A 171 4.07 4.74 -17.13
CA LYS A 171 3.02 5.21 -18.06
C LYS A 171 1.76 5.58 -17.28
N SER A 172 1.32 4.68 -16.39
CA SER A 172 0.10 4.93 -15.64
C SER A 172 0.23 6.15 -14.75
N LEU A 173 1.38 6.30 -14.07
CA LEU A 173 1.55 7.38 -13.11
C LEU A 173 1.79 8.73 -13.74
N ASN A 174 2.38 8.78 -14.91
CA ASN A 174 2.42 10.03 -15.62
C ASN A 174 1.03 10.57 -15.96
N VAL A 175 0.05 9.69 -16.13
CA VAL A 175 -1.33 10.14 -16.34
C VAL A 175 -1.93 10.67 -15.04
N LEU A 176 -1.67 9.98 -13.93
CA LEU A 176 -2.23 10.36 -12.67
C LEU A 176 -1.61 11.66 -12.14
N THR A 177 -0.27 11.72 -12.16
CA THR A 177 0.41 12.85 -11.55
C THR A 177 0.35 14.04 -12.49
N SER A 178 -0.39 13.87 -13.58
CA SER A 178 -0.72 15.00 -14.41
C SER A 178 -1.88 15.75 -13.76
N ILE A 179 -2.49 15.17 -12.73
CA ILE A 179 -3.42 15.97 -11.91
C ILE A 179 -2.88 16.52 -10.56
N ALA A 180 -2.14 15.71 -9.80
CA ALA A 180 -1.43 16.21 -8.62
C ALA A 180 -0.24 15.33 -8.36
N ILE A 181 0.77 15.88 -7.67
CA ILE A 181 1.97 15.11 -7.36
C ILE A 181 2.02 14.86 -5.88
N PRO A 182 2.16 13.58 -5.50
CA PRO A 182 2.20 13.13 -4.10
C PRO A 182 3.53 13.43 -3.49
N LYS A 183 3.57 13.59 -2.17
CA LYS A 183 4.87 13.71 -1.47
C LYS A 183 5.58 12.34 -1.44
N VAL A 184 4.84 11.30 -1.07
CA VAL A 184 5.37 9.95 -0.86
C VAL A 184 4.49 8.93 -1.58
N ILE A 185 5.15 7.96 -2.20
CA ILE A 185 4.49 6.75 -2.69
C ILE A 185 5.05 5.56 -1.90
N HIS A 186 4.15 4.76 -1.37
CA HIS A 186 4.50 3.58 -0.61
C HIS A 186 4.13 2.37 -1.42
N SER A 187 5.06 1.44 -1.53
CA SER A 187 4.78 0.21 -2.19
C SER A 187 5.44 -0.92 -1.43
N ASP A 188 5.11 -2.16 -1.80
CA ASP A 188 5.86 -3.35 -1.37
C ASP A 188 7.14 -3.39 -2.17
N GLN A 189 7.98 -4.38 -1.93
CA GLN A 189 9.24 -4.46 -2.63
C GLN A 189 9.19 -5.25 -3.92
N GLY A 190 8.04 -5.25 -4.59
CA GLY A 190 7.89 -5.86 -5.90
C GLY A 190 8.81 -5.28 -6.96
N ALA A 191 9.22 -6.11 -7.91
CA ALA A 191 10.22 -5.77 -8.92
C ALA A 191 9.97 -4.43 -9.59
N ALA A 192 8.70 -4.14 -9.83
CA ALA A 192 8.31 -2.93 -10.56
C ALA A 192 8.59 -1.64 -9.81
N PHE A 193 8.72 -1.70 -8.49
CA PHE A 193 8.95 -0.47 -7.73
C PHE A 193 10.35 -0.35 -7.20
N THR A 194 11.12 -1.41 -7.26
CA THR A 194 12.44 -1.39 -6.68
C THR A 194 13.46 -1.21 -7.76
N SER A 195 12.98 -1.10 -9.00
CA SER A 195 13.87 -0.90 -10.12
C SER A 195 14.40 0.51 -9.99
N SER A 196 15.62 0.71 -10.47
CA SER A 196 16.23 2.04 -10.41
C SER A 196 15.56 3.00 -11.39
N THR A 197 14.91 2.46 -12.42
CA THR A 197 14.17 3.29 -13.37
C THR A 197 13.03 3.99 -12.62
N PHE A 198 12.39 3.24 -11.72
CA PHE A 198 11.34 3.84 -10.94
C PHE A 198 11.89 4.90 -10.00
N ALA A 199 13.01 4.61 -9.34
CA ALA A 199 13.62 5.60 -8.45
C ALA A 199 13.83 6.92 -9.17
N GLU A 200 14.36 6.85 -10.40
CA GLU A 200 14.69 8.06 -11.16
C GLU A 200 13.45 8.80 -11.55
N TRP A 201 12.41 8.05 -11.89
CA TRP A 201 11.15 8.65 -12.24
C TRP A 201 10.67 9.48 -11.04
N ALA A 202 10.71 8.88 -9.85
CA ALA A 202 10.38 9.56 -8.59
C ALA A 202 11.30 10.74 -8.23
N LYS A 203 12.60 10.59 -8.44
CA LYS A 203 13.53 11.66 -8.07
C LYS A 203 13.38 12.87 -9.00
N GLU A 204 13.16 12.60 -10.29
CA GLU A 204 12.78 13.63 -11.26
C GLU A 204 11.69 14.53 -10.68
N ARG A 205 10.77 13.96 -9.91
CA ARG A 205 9.59 14.69 -9.49
C ARG A 205 9.49 15.15 -8.03
N GLY A 206 10.48 14.81 -7.20
CA GLY A 206 10.42 15.19 -5.78
C GLY A 206 9.54 14.29 -4.93
N ILE A 207 9.06 13.21 -5.52
CA ILE A 207 8.34 12.14 -4.81
C ILE A 207 9.31 11.31 -3.99
N HIS A 208 8.97 11.00 -2.74
CA HIS A 208 9.80 10.11 -1.91
C HIS A 208 9.32 8.67 -1.99
N LEU A 209 10.22 7.72 -2.18
CA LEU A 209 9.79 6.32 -2.23
C LEU A 209 9.99 5.65 -0.89
N GLU A 210 8.96 4.94 -0.47
CA GLU A 210 8.90 4.36 0.85
C GLU A 210 8.42 2.97 0.63
N PHE A 211 9.21 1.99 1.06
CA PHE A 211 8.89 0.59 0.80
C PHE A 211 8.52 -0.17 2.07
N SER A 212 7.58 -1.11 1.97
CA SER A 212 7.33 -1.99 3.12
C SER A 212 8.43 -3.02 3.32
N THR A 213 8.64 -3.37 4.60
CA THR A 213 9.50 -4.44 5.00
C THR A 213 9.16 -5.65 4.16
N PRO A 214 10.15 -6.47 3.82
CA PRO A 214 9.92 -7.52 2.84
C PRO A 214 8.90 -8.54 3.34
N TYR A 215 8.13 -9.07 2.38
CA TYR A 215 7.11 -10.11 2.61
C TYR A 215 6.15 -9.85 3.77
N HIS A 216 5.51 -8.68 3.72
CA HIS A 216 4.66 -8.21 4.82
C HIS A 216 3.62 -7.29 4.23
N PRO A 217 2.57 -7.85 3.62
CA PRO A 217 1.62 -6.98 2.96
C PRO A 217 0.70 -6.17 3.92
N GLN A 218 0.64 -6.54 5.21
CA GLN A 218 -0.05 -5.73 6.23
C GLN A 218 0.42 -4.25 6.17
N SER A 219 1.71 -4.06 5.87
CA SER A 219 2.34 -2.76 5.74
C SER A 219 1.73 -1.92 4.62
N SER A 220 1.14 -2.59 3.62
CA SER A 220 0.42 -1.94 2.50
C SER A 220 -1.09 -2.10 2.59
N GLY A 221 -1.55 -2.33 3.83
CA GLY A 221 -2.94 -2.62 4.17
C GLY A 221 -3.95 -1.71 3.53
N LYS A 222 -3.68 -0.40 3.48
CA LYS A 222 -4.53 0.55 2.75
C LYS A 222 -4.82 0.05 1.36
N VAL A 223 -3.82 -0.34 0.57
CA VAL A 223 -4.12 -0.81 -0.80
C VAL A 223 -4.64 -2.22 -0.84
N GLU A 224 -4.09 -3.08 0.02
CA GLU A 224 -4.41 -4.48 -0.08
C GLU A 224 -5.88 -4.57 0.27
N ARG A 225 -6.24 -3.81 1.30
CA ARG A 225 -7.64 -3.73 1.73
C ARG A 225 -8.52 -3.21 0.62
N LYS A 226 -7.98 -2.31 -0.19
CA LYS A 226 -8.72 -1.80 -1.32
C LYS A 226 -8.81 -2.81 -2.44
N ASN A 227 -7.83 -3.71 -2.55
CA ASN A 227 -7.88 -4.72 -3.62
C ASN A 227 -9.05 -5.65 -3.43
N SER A 228 -9.29 -6.01 -2.19
CA SER A 228 -10.41 -6.80 -1.80
C SER A 228 -11.69 -6.20 -2.36
N ASP A 229 -11.88 -4.91 -2.13
CA ASP A 229 -13.13 -4.31 -2.54
C ASP A 229 -13.33 -4.29 -4.04
N ILE A 230 -12.28 -3.92 -4.78
CA ILE A 230 -12.26 -4.00 -6.22
C ILE A 230 -12.64 -5.43 -6.70
N LYS A 231 -11.96 -6.44 -6.17
CA LYS A 231 -12.18 -7.78 -6.64
C LYS A 231 -13.60 -8.22 -6.34
N ARG A 232 -14.06 -7.89 -5.13
CA ARG A 232 -15.43 -8.25 -4.70
C ARG A 232 -16.47 -7.59 -5.61
N LEU A 233 -16.25 -6.31 -5.94
CA LEU A 233 -17.17 -5.62 -6.83
C LEU A 233 -17.15 -6.19 -8.26
N LEU A 234 -15.95 -6.41 -8.81
CA LEU A 234 -15.84 -7.06 -10.12
C LEU A 234 -16.59 -8.39 -10.09
N THR A 235 -16.32 -9.20 -9.07
CA THR A 235 -16.96 -10.48 -8.95
C THR A 235 -18.48 -10.33 -9.11
N LYS A 236 -19.10 -9.52 -8.28
CA LYS A 236 -20.56 -9.36 -8.34
C LYS A 236 -21.02 -8.90 -9.72
N LEU A 237 -20.38 -7.87 -10.26
CA LEU A 237 -20.74 -7.39 -11.58
C LEU A 237 -20.52 -8.43 -12.67
N LEU A 238 -19.80 -9.52 -12.39
CA LEU A 238 -19.51 -10.50 -13.43
C LEU A 238 -20.21 -11.85 -13.27
N VAL A 239 -21.08 -11.98 -12.28
CA VAL A 239 -21.81 -13.22 -12.03
C VAL A 239 -22.62 -13.57 -13.26
N GLY A 240 -22.62 -14.84 -13.67
CA GLY A 240 -23.32 -15.22 -14.88
C GLY A 240 -22.48 -14.97 -16.12
N ARG A 241 -21.94 -13.75 -16.26
CA ARG A 241 -21.22 -13.31 -17.48
C ARG A 241 -19.78 -13.83 -17.57
N PRO A 242 -19.21 -13.85 -18.80
CA PRO A 242 -17.78 -14.09 -19.03
C PRO A 242 -17.01 -12.96 -18.40
N THR A 243 -15.81 -13.25 -17.89
CA THR A 243 -15.04 -12.29 -17.09
C THR A 243 -14.38 -11.19 -17.93
N LYS A 244 -15.21 -10.27 -18.42
CA LYS A 244 -14.74 -9.16 -19.22
C LYS A 244 -14.51 -7.99 -18.28
N TRP A 245 -13.48 -8.07 -17.45
CA TRP A 245 -13.28 -7.00 -16.46
C TRP A 245 -12.77 -5.65 -17.00
N TYR A 246 -12.08 -5.67 -18.15
CA TYR A 246 -11.43 -4.44 -18.66
C TYR A 246 -12.38 -3.26 -18.80
N ASP A 247 -13.57 -3.49 -19.32
CA ASP A 247 -14.56 -2.43 -19.45
C ASP A 247 -15.16 -2.00 -18.13
N LEU A 248 -15.07 -2.83 -17.12
CA LEU A 248 -15.69 -2.48 -15.86
C LEU A 248 -14.80 -1.59 -14.97
N LEU A 249 -13.49 -1.61 -15.15
CA LEU A 249 -12.62 -0.83 -14.28
C LEU A 249 -13.12 0.59 -14.01
N PRO A 250 -13.42 1.38 -15.09
CA PRO A 250 -13.89 2.75 -14.86
C PRO A 250 -15.12 2.80 -13.93
N VAL A 251 -16.18 2.06 -14.29
CA VAL A 251 -17.35 1.87 -13.43
C VAL A 251 -17.01 1.51 -11.97
N VAL A 252 -16.17 0.50 -11.78
CA VAL A 252 -15.76 0.13 -10.45
C VAL A 252 -15.06 1.30 -9.75
N GLN A 253 -14.06 1.89 -10.42
CA GLN A 253 -13.35 3.02 -9.84
C GLN A 253 -14.35 4.03 -9.34
N LEU A 254 -15.29 4.45 -10.19
CA LEU A 254 -16.25 5.49 -9.84
C LEU A 254 -17.08 5.03 -8.68
N ALA A 255 -17.65 3.82 -8.79
CA ALA A 255 -18.52 3.26 -7.78
C ALA A 255 -17.88 3.23 -6.41
N LEU A 256 -16.66 2.71 -6.34
CA LEU A 256 -15.94 2.64 -5.08
C LEU A 256 -15.61 4.00 -4.48
N ASN A 257 -15.24 4.96 -5.33
CA ASN A 257 -14.81 6.27 -4.85
C ASN A 257 -15.96 7.06 -4.26
N ASN A 258 -17.15 6.74 -4.76
CA ASN A 258 -18.36 7.33 -4.25
C ASN A 258 -19.17 6.45 -3.30
N THR A 259 -18.52 5.44 -2.69
CA THR A 259 -19.09 4.55 -1.67
C THR A 259 -18.84 5.03 -0.25
N TYR A 260 -19.86 5.03 0.59
CA TYR A 260 -19.69 5.50 1.95
C TYR A 260 -18.93 4.52 2.81
N SER A 261 -18.00 5.00 3.64
CA SER A 261 -17.46 4.16 4.69
C SER A 261 -18.33 4.33 5.92
N PRO A 262 -19.05 3.26 6.31
CA PRO A 262 -19.96 3.31 7.44
C PRO A 262 -19.37 3.93 8.69
N VAL A 263 -18.08 3.70 8.95
CA VAL A 263 -17.44 4.30 10.12
C VAL A 263 -17.03 5.79 9.94
N LEU A 264 -16.74 6.21 8.71
CA LEU A 264 -16.31 7.58 8.53
C LEU A 264 -17.50 8.47 8.32
N LYS A 265 -18.54 7.89 7.74
CA LYS A 265 -19.74 8.59 7.24
C LYS A 265 -19.41 9.49 6.07
N TYR A 266 -18.40 9.11 5.30
CA TYR A 266 -17.97 9.83 4.10
C TYR A 266 -17.50 8.89 3.00
N THR A 267 -17.59 9.36 1.76
CA THR A 267 -16.99 8.68 0.62
C THR A 267 -15.62 9.26 0.33
N PRO A 268 -14.75 8.48 -0.33
CA PRO A 268 -13.43 9.02 -0.66
C PRO A 268 -13.56 10.26 -1.49
N HIS A 269 -14.48 10.24 -2.44
CA HIS A 269 -14.72 11.40 -3.27
C HIS A 269 -14.99 12.61 -2.39
N GLN A 270 -15.94 12.48 -1.47
CA GLN A 270 -16.21 13.55 -0.51
C GLN A 270 -14.99 14.04 0.23
N LEU A 271 -14.15 13.13 0.70
CA LEU A 271 -12.99 13.54 1.44
C LEU A 271 -12.00 14.23 0.53
N LEU A 272 -11.93 13.83 -0.74
CA LEU A 272 -11.04 14.52 -1.66
C LEU A 272 -11.56 15.90 -2.10
N PHE A 273 -12.83 16.03 -2.40
CA PHE A 273 -13.32 17.25 -3.03
C PHE A 273 -14.22 18.10 -2.15
N GLY A 274 -14.80 17.49 -1.12
CA GLY A 274 -15.67 18.23 -0.19
C GLY A 274 -17.06 18.52 -0.75
N ILE A 275 -17.31 18.01 -1.96
CA ILE A 275 -18.64 17.96 -2.54
C ILE A 275 -18.76 16.82 -3.53
N ASP A 276 -19.98 16.32 -3.68
CA ASP A 276 -20.25 15.28 -4.63
C ASP A 276 -20.27 15.80 -6.05
N SER A 277 -19.96 14.90 -6.97
CA SER A 277 -20.05 15.12 -8.39
C SER A 277 -21.51 14.94 -8.76
N ASN A 278 -21.80 14.90 -10.06
CA ASN A 278 -23.12 14.56 -10.56
C ASN A 278 -23.32 13.04 -10.65
N THR A 279 -23.34 12.37 -9.51
CA THR A 279 -23.55 10.93 -9.51
C THR A 279 -24.86 10.62 -8.82
N PRO A 280 -25.36 9.39 -8.96
CA PRO A 280 -26.64 9.08 -8.35
C PRO A 280 -26.64 9.34 -6.85
N PHE A 281 -27.75 9.80 -6.32
CA PHE A 281 -27.88 10.03 -4.88
C PHE A 281 -26.82 10.99 -4.31
N ALA A 282 -26.50 12.05 -5.03
CA ALA A 282 -25.47 13.01 -4.59
C ALA A 282 -25.98 13.80 -3.40
N ASN A 283 -25.09 13.96 -2.41
CA ASN A 283 -25.38 14.72 -1.20
C ASN A 283 -25.44 16.20 -1.46
N GLN A 284 -26.46 16.85 -0.90
CA GLN A 284 -26.70 18.26 -1.16
C GLN A 284 -26.58 19.17 0.05
N ASP A 285 -26.18 18.61 1.20
CA ASP A 285 -26.13 19.37 2.45
C ASP A 285 -25.46 20.77 2.39
N THR A 286 -24.63 21.04 1.40
CA THR A 286 -23.83 22.25 1.43
C THR A 286 -24.19 23.14 0.27
N LEU A 287 -25.42 23.01 -0.19
CA LEU A 287 -25.83 23.70 -1.40
C LEU A 287 -25.78 25.21 -1.25
N ASP A 288 -25.95 25.67 0.00
CA ASP A 288 -26.02 27.08 0.31
C ASP A 288 -24.71 27.67 0.80
N LEU A 289 -23.76 26.83 1.18
CA LEU A 289 -22.45 27.32 1.57
C LEU A 289 -21.70 27.71 0.31
N THR A 290 -20.91 28.78 0.39
CA THR A 290 -20.03 29.16 -0.72
C THR A 290 -18.93 28.16 -0.75
N ARG A 291 -18.19 28.09 -1.85
CA ARG A 291 -17.11 27.13 -1.95
C ARG A 291 -16.22 27.24 -0.73
N GLU A 292 -15.89 28.48 -0.35
CA GLU A 292 -15.01 28.75 0.79
C GLU A 292 -15.53 28.21 2.11
N GLU A 293 -16.79 28.52 2.42
CA GLU A 293 -17.40 27.96 3.61
C GLU A 293 -17.29 26.43 3.58
N GLU A 294 -17.75 25.82 2.49
CA GLU A 294 -17.61 24.39 2.22
C GLU A 294 -16.20 23.82 2.43
N LEU A 295 -15.19 24.53 1.92
CA LEU A 295 -13.79 24.08 1.95
C LEU A 295 -13.17 24.09 3.33
N SER A 296 -13.74 24.89 4.23
CA SER A 296 -13.25 24.89 5.59
C SER A 296 -14.10 23.97 6.47
N LEU A 297 -15.33 23.69 6.06
CA LEU A 297 -16.05 22.57 6.63
C LEU A 297 -15.30 21.27 6.31
N LEU A 298 -14.73 21.19 5.11
CA LEU A 298 -13.87 20.08 4.72
C LEU A 298 -12.60 19.96 5.55
N GLN A 299 -11.92 21.07 5.80
CA GLN A 299 -10.69 21.01 6.59
C GLN A 299 -11.01 20.48 7.97
N GLU A 300 -12.19 20.83 8.47
CA GLU A 300 -12.67 20.34 9.76
C GLU A 300 -13.10 18.86 9.72
N ILE A 301 -13.73 18.43 8.64
CA ILE A 301 -14.12 17.04 8.50
C ILE A 301 -12.92 16.10 8.43
N ARG A 302 -11.88 16.54 7.73
CA ARG A 302 -10.67 15.74 7.55
C ARG A 302 -9.89 15.54 8.84
N THR A 303 -9.89 16.54 9.70
CA THR A 303 -9.05 16.42 10.89
C THR A 303 -9.73 15.64 12.00
N SER A 304 -11.04 15.47 11.88
CA SER A 304 -11.84 14.91 12.95
C SER A 304 -12.20 13.45 12.73
N LEU A 305 -11.63 12.81 11.69
CA LEU A 305 -12.03 11.45 11.28
C LEU A 305 -11.51 10.42 12.25
N TYR A 306 -12.36 9.46 12.55
CA TYR A 306 -12.05 8.32 13.39
C TYR A 306 -10.66 7.77 13.16
N HIS A 307 -9.90 7.61 14.25
CA HIS A 307 -8.66 6.88 14.17
C HIS A 307 -8.59 5.73 15.17
N PRO A 308 -8.43 4.50 14.66
CA PRO A 308 -8.37 3.27 15.47
C PRO A 308 -7.16 3.23 16.40
N SER A 309 -7.27 2.59 17.57
CA SER A 309 -6.03 2.43 18.34
C SER A 309 -5.49 0.99 18.33
N THR A 310 -4.30 0.80 18.87
CA THR A 310 -3.71 -0.51 18.76
C THR A 310 -4.39 -1.44 19.77
N PRO A 311 -4.57 -2.74 19.40
CA PRO A 311 -5.24 -3.72 20.24
C PRO A 311 -4.44 -4.10 21.48
N PRO A 312 -5.12 -4.75 22.46
CA PRO A 312 -4.31 -5.29 23.54
C PRO A 312 -3.30 -6.31 23.01
N ALA A 313 -2.15 -6.41 23.69
CA ALA A 313 -1.19 -7.48 23.41
C ALA A 313 -1.83 -8.82 23.78
N SER A 314 -1.44 -9.89 23.07
CA SER A 314 -1.98 -11.20 23.41
C SER A 314 -1.17 -11.72 24.60
N SER A 315 -1.69 -12.72 25.30
CA SER A 315 -1.09 -13.19 26.58
C SER A 315 0.42 -13.44 26.48
N ARG A 316 0.87 -13.90 25.31
CA ARG A 316 2.23 -14.40 25.16
C ARG A 316 2.97 -13.80 23.98
N SER A 317 3.07 -12.49 23.97
CA SER A 317 3.73 -11.80 22.88
C SER A 317 5.17 -11.50 23.25
N TRP A 318 5.96 -11.09 22.26
CA TRP A 318 7.33 -10.66 22.51
C TRP A 318 7.58 -9.37 21.78
N SER A 319 8.40 -8.53 22.37
CA SER A 319 8.85 -7.39 21.61
C SER A 319 10.35 -7.37 21.52
N PRO A 320 10.86 -6.75 20.43
CA PRO A 320 12.27 -6.81 20.09
C PRO A 320 13.08 -5.84 20.96
N VAL A 321 14.26 -6.29 21.34
CA VAL A 321 15.17 -5.58 22.22
C VAL A 321 16.51 -5.52 21.50
N VAL A 322 17.13 -4.35 21.44
CA VAL A 322 18.47 -4.27 20.84
C VAL A 322 19.40 -5.31 21.47
N GLY A 323 20.09 -6.11 20.64
CA GLY A 323 21.06 -7.11 21.14
C GLY A 323 20.53 -8.54 21.27
N GLN A 324 19.21 -8.67 21.28
CA GLN A 324 18.49 -9.94 21.25
C GLN A 324 18.80 -10.73 19.98
N LEU A 325 18.90 -12.05 20.09
CA LEU A 325 18.99 -12.93 18.93
C LEU A 325 17.64 -13.26 18.37
N VAL A 326 17.45 -13.00 17.09
CA VAL A 326 16.19 -13.32 16.42
C VAL A 326 16.45 -14.09 15.15
N GLN A 327 15.44 -14.73 14.59
CA GLN A 327 15.61 -15.37 13.28
C GLN A 327 14.59 -14.93 12.26
N GLU A 328 15.07 -14.58 11.07
CA GLU A 328 14.20 -14.14 9.98
C GLU A 328 13.57 -15.34 9.32
N ARG A 329 12.33 -15.23 8.88
CA ARG A 329 11.63 -16.39 8.31
C ARG A 329 12.15 -16.60 6.90
N VAL A 330 12.30 -17.86 6.49
CA VAL A 330 12.68 -18.13 5.12
C VAL A 330 11.47 -17.87 4.22
N ALA A 331 11.62 -16.92 3.32
CA ALA A 331 10.63 -16.55 2.31
C ALA A 331 10.07 -17.71 1.50
N ARG A 332 10.85 -18.22 0.54
CA ARG A 332 10.27 -19.25 -0.34
C ARG A 332 10.89 -20.64 -0.10
N PRO A 333 10.60 -21.23 1.06
CA PRO A 333 11.34 -22.40 1.53
C PRO A 333 11.05 -23.58 0.68
N ALA A 334 12.10 -24.17 0.11
CA ALA A 334 11.92 -25.40 -0.66
C ALA A 334 11.27 -26.52 0.16
N SER A 335 10.75 -27.53 -0.53
CA SER A 335 10.13 -28.64 0.15
C SER A 335 11.13 -29.39 1.06
N LEU A 336 10.71 -29.68 2.28
CA LEU A 336 11.55 -30.36 3.29
C LEU A 336 12.78 -29.60 3.75
N ARG A 337 12.71 -28.28 3.79
CA ARG A 337 13.86 -27.47 4.17
C ARG A 337 13.43 -26.48 5.26
N PRO A 338 14.34 -26.05 6.14
CA PRO A 338 14.00 -25.18 7.28
C PRO A 338 13.19 -23.94 6.94
N ARG A 339 12.15 -23.69 7.72
CA ARG A 339 11.36 -22.46 7.58
C ARG A 339 12.09 -21.21 8.15
N TRP A 340 13.21 -21.38 8.86
CA TRP A 340 13.89 -20.21 9.46
C TRP A 340 15.35 -20.00 9.09
N HIS A 341 15.75 -18.75 8.98
CA HIS A 341 17.16 -18.41 8.79
C HIS A 341 17.94 -18.59 10.09
N LYS A 342 19.27 -18.63 10.01
CA LYS A 342 20.06 -18.84 11.20
C LYS A 342 19.91 -17.60 12.06
N PRO A 343 20.27 -17.67 13.34
CA PRO A 343 20.15 -16.49 14.23
C PRO A 343 20.89 -15.21 13.78
N SER A 344 20.30 -14.06 14.09
CA SER A 344 20.89 -12.75 13.82
C SER A 344 20.57 -11.77 14.96
N THR A 345 21.33 -10.70 15.07
CA THR A 345 21.14 -9.79 16.18
C THR A 345 20.25 -8.61 15.77
N VAL A 346 19.37 -8.18 16.67
CA VAL A 346 18.68 -6.91 16.49
C VAL A 346 19.68 -5.76 16.65
N LEU A 347 19.82 -4.96 15.60
CA LEU A 347 20.73 -3.81 15.65
C LEU A 347 20.07 -2.53 16.11
N LYS A 348 18.87 -2.26 15.59
CA LYS A 348 18.08 -1.12 16.02
C LYS A 348 16.63 -1.56 16.05
N VAL A 349 15.87 -1.01 16.99
CA VAL A 349 14.41 -1.20 17.12
C VAL A 349 13.76 0.11 16.64
N LEU A 350 13.32 0.12 15.38
CA LEU A 350 12.75 1.33 14.77
C LEU A 350 11.43 1.72 15.44
N ASN A 351 10.57 0.74 15.67
CA ASN A 351 9.36 0.90 16.47
C ASN A 351 9.10 -0.47 17.04
N PRO A 352 8.08 -0.65 17.88
CA PRO A 352 8.02 -1.98 18.50
C PRO A 352 7.66 -3.10 17.51
N ARG A 353 7.47 -2.76 16.24
CA ARG A 353 7.07 -3.77 15.25
C ARG A 353 7.96 -3.86 14.05
N THR A 354 8.93 -2.97 13.99
CA THR A 354 9.85 -2.99 12.89
C THR A 354 11.24 -2.95 13.48
N VAL A 355 12.16 -3.65 12.83
CA VAL A 355 13.49 -3.87 13.38
C VAL A 355 14.57 -3.93 12.31
N VAL A 356 15.81 -3.57 12.68
CA VAL A 356 16.95 -3.76 11.77
C VAL A 356 17.78 -4.90 12.33
N ILE A 357 18.12 -5.85 11.48
CA ILE A 357 18.96 -6.95 11.92
C ILE A 357 20.25 -6.99 11.12
N LEU A 358 21.30 -7.48 11.77
CA LEU A 358 22.52 -7.89 11.08
C LEU A 358 22.40 -9.37 10.73
N ASP A 359 22.16 -9.63 9.44
CA ASP A 359 21.71 -10.94 8.92
C ASP A 359 22.80 -11.89 8.42
N HIS A 360 22.48 -12.53 7.28
CA HIS A 360 23.32 -13.52 6.56
C HIS A 360 24.03 -13.02 5.23
N LEU A 361 25.27 -12.50 5.32
CA LEU A 361 26.01 -12.24 6.57
C LEU A 361 27.30 -11.48 6.25
N GLY A 362 27.38 -10.21 6.65
CA GLY A 362 26.28 -9.54 7.32
C GLY A 362 25.89 -8.22 6.66
N ASN A 363 24.65 -8.18 6.19
CA ASN A 363 24.07 -6.95 5.68
C ASN A 363 22.91 -6.55 6.60
N ASN A 364 22.63 -5.24 6.65
CA ASN A 364 21.47 -4.71 7.37
C ASN A 364 20.19 -5.04 6.63
N ARG A 365 19.22 -5.57 7.35
CA ARG A 365 17.91 -5.79 6.80
C ARG A 365 16.94 -5.06 7.69
N THR A 366 16.02 -4.31 7.09
CA THR A 366 14.90 -3.78 7.83
C THR A 366 13.73 -4.74 7.62
N VAL A 367 13.14 -5.15 8.74
CA VAL A 367 12.37 -6.37 8.82
C VAL A 367 11.19 -6.21 9.77
N SER A 368 10.07 -6.84 9.44
CA SER A 368 8.88 -6.81 10.28
C SER A 368 8.99 -7.86 11.34
N ILE A 369 8.54 -7.60 12.56
CA ILE A 369 8.66 -8.64 13.60
C ILE A 369 7.80 -9.86 13.32
N ASP A 370 6.75 -9.69 12.51
CA ASP A 370 5.93 -10.83 12.11
C ASP A 370 6.74 -11.85 11.33
N ASN A 371 7.83 -11.41 10.70
CA ASN A 371 8.71 -12.33 9.99
C ASN A 371 9.92 -12.70 10.81
N LEU A 372 9.80 -12.48 12.10
CA LEU A 372 10.83 -12.84 13.07
C LEU A 372 10.29 -13.80 14.11
N LYS A 373 11.20 -14.59 14.67
CA LYS A 373 10.92 -15.29 15.90
C LYS A 373 12.14 -15.10 16.77
N PRO A 374 11.93 -14.97 18.08
CA PRO A 374 13.09 -14.88 18.94
C PRO A 374 13.72 -16.25 19.06
N THR A 375 15.04 -16.31 19.08
CA THR A 375 15.74 -17.57 19.22
C THR A 375 15.54 -18.04 20.64
N SER A 376 15.08 -19.26 20.80
CA SER A 376 14.80 -19.81 22.15
C SER A 376 16.05 -20.37 22.83
N HIS A 377 16.13 -20.29 24.16
CA HIS A 377 17.29 -20.75 24.94
C HIS A 377 18.60 -19.91 24.82
N ASP B 119 -29.98 31.32 -6.64
CA ASP B 119 -29.43 31.26 -5.25
C ASP B 119 -28.06 30.56 -5.25
N ARG B 120 -28.10 29.24 -5.45
CA ARG B 120 -26.96 28.36 -5.25
C ARG B 120 -25.64 29.03 -5.69
N PRO B 121 -24.68 29.24 -4.77
CA PRO B 121 -23.32 29.64 -5.18
C PRO B 121 -22.60 28.63 -6.10
N GLN B 122 -21.75 29.14 -6.99
CA GLN B 122 -21.03 28.35 -8.01
C GLN B 122 -20.15 27.27 -7.35
N LYS B 123 -20.20 26.04 -7.86
CA LYS B 123 -19.46 24.94 -7.25
C LYS B 123 -18.67 24.11 -8.29
N PRO B 124 -17.64 23.34 -7.83
CA PRO B 124 -16.96 22.43 -8.74
C PRO B 124 -17.94 21.43 -9.33
N PHE B 125 -17.69 21.00 -10.56
CA PHE B 125 -18.54 19.98 -11.18
C PHE B 125 -19.89 20.50 -11.64
N ASP B 126 -20.11 21.80 -11.45
CA ASP B 126 -21.31 22.45 -11.95
C ASP B 126 -21.34 22.52 -13.45
N LYS B 127 -20.18 22.76 -14.05
CA LYS B 127 -20.08 23.04 -15.46
C LYS B 127 -18.66 22.77 -15.90
N PHE B 128 -18.49 21.95 -16.92
CA PHE B 128 -17.19 21.69 -17.56
C PHE B 128 -17.24 22.29 -18.97
N PHE B 129 -16.31 23.20 -19.27
CA PHE B 129 -16.23 23.72 -20.62
C PHE B 129 -15.21 22.90 -21.39
N ILE B 130 -15.62 22.38 -22.53
CA ILE B 130 -14.73 21.57 -23.32
C ILE B 130 -14.52 22.20 -24.68
N ASP B 131 -13.33 22.02 -25.23
CA ASP B 131 -13.06 22.51 -26.57
C ASP B 131 -11.89 21.72 -27.10
N TYR B 132 -11.67 21.79 -28.41
CA TYR B 132 -10.53 21.16 -29.03
C TYR B 132 -9.46 22.16 -29.43
N ILE B 133 -8.21 21.83 -29.13
CA ILE B 133 -7.07 22.52 -29.70
C ILE B 133 -6.42 21.61 -30.73
N GLY B 134 -6.23 22.13 -31.94
CA GLY B 134 -5.60 21.38 -33.01
C GLY B 134 -6.07 21.69 -34.43
N PRO B 135 -5.45 21.07 -35.44
CA PRO B 135 -4.43 20.02 -35.36
C PRO B 135 -3.03 20.56 -35.04
N LEU B 136 -2.28 19.80 -34.25
CA LEU B 136 -0.91 20.12 -33.87
C LEU B 136 0.05 19.21 -34.62
N PRO B 137 1.35 19.57 -34.69
CA PRO B 137 2.31 18.59 -35.25
C PRO B 137 2.20 17.27 -34.48
N PRO B 138 2.28 16.13 -35.19
CA PRO B 138 2.04 14.82 -34.58
C PRO B 138 3.03 14.48 -33.48
N SER B 139 2.54 14.25 -32.28
CA SER B 139 3.35 13.75 -31.17
C SER B 139 2.82 12.40 -30.72
N GLN B 140 3.67 11.37 -30.78
CA GLN B 140 3.26 9.98 -30.55
C GLN B 140 2.00 9.66 -31.35
N GLY B 141 1.98 10.12 -32.60
CA GLY B 141 0.83 9.95 -33.47
C GLY B 141 -0.52 10.49 -32.97
N TYR B 142 -0.50 11.51 -32.10
CA TYR B 142 -1.72 12.25 -31.70
C TYR B 142 -1.70 13.62 -32.36
N LEU B 143 -2.86 14.28 -32.43
CA LEU B 143 -2.94 15.54 -33.17
C LEU B 143 -3.73 16.68 -32.49
N TYR B 144 -4.65 16.33 -31.60
CA TYR B 144 -5.51 17.31 -30.99
C TYR B 144 -5.45 17.21 -29.48
N VAL B 145 -5.90 18.25 -28.81
CA VAL B 145 -6.03 18.21 -27.37
C VAL B 145 -7.45 18.58 -26.99
N LEU B 146 -8.20 17.64 -26.45
CA LEU B 146 -9.46 17.99 -25.82
C LEU B 146 -9.12 18.71 -24.53
N VAL B 147 -9.79 19.82 -24.31
CA VAL B 147 -9.53 20.72 -23.20
C VAL B 147 -10.76 20.82 -22.33
N VAL B 148 -10.67 20.35 -21.10
CA VAL B 148 -11.78 20.47 -20.17
C VAL B 148 -11.36 21.38 -19.04
N VAL B 149 -12.16 22.41 -18.79
CA VAL B 149 -11.92 23.34 -17.69
C VAL B 149 -13.18 23.42 -16.84
N ASP B 150 -13.00 23.24 -15.54
CA ASP B 150 -14.10 23.37 -14.59
C ASP B 150 -14.43 24.85 -14.37
N GLY B 151 -15.69 25.20 -14.63
CA GLY B 151 -16.17 26.58 -14.64
C GLY B 151 -15.99 27.34 -13.36
N MET B 152 -16.10 26.67 -12.23
CA MET B 152 -15.94 27.30 -10.95
C MET B 152 -14.49 27.39 -10.49
N THR B 153 -13.73 26.31 -10.60
CA THR B 153 -12.37 26.32 -10.05
C THR B 153 -11.31 26.76 -11.08
N GLY B 154 -11.58 26.57 -12.37
CA GLY B 154 -10.58 26.86 -13.39
C GLY B 154 -9.67 25.67 -13.60
N PHE B 155 -9.93 24.58 -12.88
CA PHE B 155 -9.13 23.38 -13.04
C PHE B 155 -9.28 22.84 -14.47
N THR B 156 -8.21 22.24 -14.96
CA THR B 156 -8.05 21.92 -16.37
C THR B 156 -7.53 20.52 -16.55
N TRP B 157 -8.25 19.73 -17.33
CA TRP B 157 -7.77 18.44 -17.77
C TRP B 157 -7.51 18.51 -19.26
N LEU B 158 -6.42 17.89 -19.70
CA LEU B 158 -6.08 17.84 -21.12
C LEU B 158 -5.96 16.38 -21.61
N TYR B 159 -6.71 16.02 -22.65
CA TYR B 159 -6.57 14.69 -23.21
C TYR B 159 -6.17 14.80 -24.65
N PRO B 160 -5.12 14.07 -25.05
CA PRO B 160 -4.62 14.02 -26.41
C PRO B 160 -5.44 13.05 -27.26
N THR B 161 -5.98 13.51 -28.39
CA THR B 161 -6.78 12.63 -29.22
C THR B 161 -6.23 12.61 -30.64
N LYS B 162 -6.66 11.63 -31.43
CA LYS B 162 -6.23 11.52 -32.82
C LYS B 162 -7.11 12.29 -33.82
N ALA B 163 -8.29 12.70 -33.39
CA ALA B 163 -9.21 13.48 -34.24
C ALA B 163 -10.23 14.24 -33.40
N PRO B 164 -10.78 15.36 -33.93
CA PRO B 164 -11.81 16.08 -33.19
C PRO B 164 -13.18 15.46 -33.41
N SER B 165 -13.33 14.19 -33.01
CA SER B 165 -14.50 13.40 -33.35
C SER B 165 -15.22 12.96 -32.10
N THR B 166 -16.52 12.71 -32.26
CA THR B 166 -17.34 12.21 -31.15
C THR B 166 -16.67 11.06 -30.44
N SER B 167 -16.21 10.06 -31.20
CA SER B 167 -15.59 8.89 -30.59
C SER B 167 -14.34 9.24 -29.76
N ALA B 168 -13.43 10.04 -30.31
CA ALA B 168 -12.29 10.51 -29.53
C ALA B 168 -12.72 11.25 -28.25
N THR B 169 -13.78 12.05 -28.37
CA THR B 169 -14.29 12.86 -27.28
C THR B 169 -14.84 11.95 -26.22
N VAL B 170 -15.57 10.92 -26.66
CA VAL B 170 -16.18 10.01 -25.71
C VAL B 170 -15.14 9.15 -24.99
N LYS B 171 -14.14 8.65 -25.70
CA LYS B 171 -13.07 7.85 -25.07
C LYS B 171 -12.40 8.73 -24.01
N SER B 172 -12.02 9.94 -24.38
CA SER B 172 -11.42 10.87 -23.45
C SER B 172 -12.33 11.20 -22.29
N LEU B 173 -13.57 11.56 -22.58
CA LEU B 173 -14.44 11.98 -21.48
C LEU B 173 -14.80 10.80 -20.59
N ASN B 174 -14.80 9.57 -21.12
CA ASN B 174 -14.97 8.40 -20.28
C ASN B 174 -13.93 8.30 -19.19
N VAL B 175 -12.72 8.79 -19.48
CA VAL B 175 -11.68 8.72 -18.49
C VAL B 175 -11.97 9.74 -17.42
N LEU B 176 -12.32 10.96 -17.80
CA LEU B 176 -12.57 12.01 -16.81
C LEU B 176 -13.78 11.72 -15.96
N THR B 177 -14.83 11.23 -16.61
CA THR B 177 -16.06 11.03 -15.91
C THR B 177 -16.02 9.77 -15.07
N SER B 178 -14.86 9.12 -14.99
CA SER B 178 -14.76 8.02 -14.06
C SER B 178 -14.05 8.55 -12.83
N ILE B 179 -13.93 9.87 -12.75
CA ILE B 179 -13.43 10.42 -11.52
C ILE B 179 -14.39 11.47 -10.99
N ALA B 180 -15.08 12.17 -11.89
CA ALA B 180 -16.13 13.12 -11.48
C ALA B 180 -16.99 13.46 -12.67
N ILE B 181 -18.30 13.52 -12.46
CA ILE B 181 -19.23 13.84 -13.54
C ILE B 181 -19.78 15.26 -13.41
N PRO B 182 -19.65 16.07 -14.46
CA PRO B 182 -20.19 17.44 -14.37
C PRO B 182 -21.72 17.43 -14.45
N LYS B 183 -22.40 18.41 -13.86
CA LYS B 183 -23.84 18.53 -14.12
C LYS B 183 -24.09 18.99 -15.55
N VAL B 184 -23.19 19.83 -16.04
CA VAL B 184 -23.33 20.46 -17.35
C VAL B 184 -22.00 20.47 -18.06
N ILE B 185 -22.02 20.01 -19.31
CA ILE B 185 -20.92 20.28 -20.25
C ILE B 185 -21.35 21.40 -21.22
N HIS B 186 -20.52 22.44 -21.32
CA HIS B 186 -20.77 23.52 -22.27
C HIS B 186 -19.68 23.49 -23.36
N SER B 187 -20.08 23.68 -24.61
CA SER B 187 -19.14 23.72 -25.72
C SER B 187 -19.69 24.56 -26.84
N ASP B 188 -18.88 24.72 -27.88
CA ASP B 188 -19.33 25.28 -29.16
C ASP B 188 -20.04 24.24 -29.99
N GLN B 189 -20.60 24.65 -31.11
CA GLN B 189 -21.38 23.75 -31.93
C GLN B 189 -20.51 22.93 -32.90
N GLY B 190 -19.32 22.56 -32.42
CA GLY B 190 -18.43 21.68 -33.16
C GLY B 190 -19.20 20.42 -33.44
N ALA B 191 -18.95 19.82 -34.61
CA ALA B 191 -19.71 18.68 -35.06
C ALA B 191 -19.64 17.54 -34.05
N ALA B 192 -18.51 17.44 -33.37
CA ALA B 192 -18.29 16.35 -32.41
C ALA B 192 -19.22 16.44 -31.22
N PHE B 193 -19.60 17.65 -30.84
CA PHE B 193 -20.39 17.83 -29.63
C PHE B 193 -21.88 17.85 -29.92
N THR B 194 -22.23 18.18 -31.16
CA THR B 194 -23.63 18.28 -31.57
C THR B 194 -24.18 16.99 -32.15
N SER B 195 -23.34 15.96 -32.27
CA SER B 195 -23.79 14.70 -32.81
C SER B 195 -24.77 14.08 -31.83
N SER B 196 -25.52 13.10 -32.30
CA SER B 196 -26.50 12.44 -31.43
C SER B 196 -25.91 11.25 -30.67
N THR B 197 -24.74 10.80 -31.10
CA THR B 197 -23.98 9.87 -30.27
C THR B 197 -23.53 10.58 -28.99
N PHE B 198 -22.87 11.74 -29.14
CA PHE B 198 -22.45 12.48 -27.97
C PHE B 198 -23.64 12.85 -27.12
N ALA B 199 -24.75 13.19 -27.78
CA ALA B 199 -25.97 13.53 -27.06
C ALA B 199 -26.50 12.33 -26.24
N GLU B 200 -26.59 11.15 -26.86
CA GLU B 200 -27.01 9.93 -26.12
C GLU B 200 -26.02 9.56 -25.01
N TRP B 201 -24.73 9.81 -25.24
CA TRP B 201 -23.71 9.59 -24.21
C TRP B 201 -24.02 10.41 -22.96
N ALA B 202 -24.29 11.70 -23.12
CA ALA B 202 -24.51 12.57 -21.97
C ALA B 202 -25.82 12.30 -21.26
N LYS B 203 -26.86 11.95 -22.03
CA LYS B 203 -28.13 11.56 -21.42
C LYS B 203 -27.96 10.30 -20.56
N GLU B 204 -27.10 9.37 -20.99
CA GLU B 204 -26.79 8.18 -20.19
C GLU B 204 -26.22 8.52 -18.81
N ARG B 205 -25.35 9.53 -18.75
CA ARG B 205 -24.70 9.85 -17.50
C ARG B 205 -25.41 10.99 -16.77
N GLY B 206 -26.60 11.38 -17.27
CA GLY B 206 -27.40 12.47 -16.71
C GLY B 206 -26.68 13.83 -16.70
N ILE B 207 -25.83 14.05 -17.70
CA ILE B 207 -25.19 15.34 -17.95
C ILE B 207 -26.11 16.13 -18.86
N HIS B 208 -26.33 17.40 -18.57
CA HIS B 208 -27.02 18.27 -19.52
C HIS B 208 -26.03 18.94 -20.46
N LEU B 209 -26.31 18.90 -21.75
CA LEU B 209 -25.49 19.60 -22.73
C LEU B 209 -26.01 21.01 -23.00
N GLU B 210 -25.08 21.95 -23.10
CA GLU B 210 -25.37 23.37 -23.28
C GLU B 210 -24.48 23.87 -24.37
N PHE B 211 -25.09 24.49 -25.38
CA PHE B 211 -24.36 24.99 -26.52
C PHE B 211 -24.33 26.51 -26.55
N SER B 212 -23.15 27.06 -26.80
CA SER B 212 -23.04 28.47 -27.13
C SER B 212 -23.50 28.65 -28.58
N THR B 213 -24.15 29.77 -28.88
CA THR B 213 -24.62 30.02 -30.24
C THR B 213 -23.44 30.03 -31.23
N PRO B 214 -23.71 29.79 -32.52
CA PRO B 214 -22.58 29.67 -33.45
C PRO B 214 -21.92 31.01 -33.72
N TYR B 215 -20.59 31.01 -33.73
CA TYR B 215 -19.79 32.19 -34.03
C TYR B 215 -19.80 33.23 -32.89
N HIS B 216 -20.63 33.01 -31.88
CA HIS B 216 -20.64 33.87 -30.68
C HIS B 216 -20.37 33.00 -29.45
N PRO B 217 -19.13 32.48 -29.35
CA PRO B 217 -18.85 31.44 -28.37
C PRO B 217 -18.57 32.06 -26.99
N GLN B 218 -19.61 32.16 -26.17
CA GLN B 218 -19.45 32.67 -24.80
C GLN B 218 -19.24 31.55 -23.76
N SER B 219 -18.33 31.80 -22.82
CA SER B 219 -18.04 31.00 -21.65
C SER B 219 -17.60 32.02 -20.60
N SER B 220 -17.70 31.75 -19.30
CA SER B 220 -17.43 32.80 -18.30
C SER B 220 -16.05 33.48 -18.45
N GLY B 221 -15.92 34.70 -17.92
CA GLY B 221 -14.69 35.48 -17.99
C GLY B 221 -13.45 34.70 -17.57
N LYS B 222 -13.55 34.03 -16.42
CA LYS B 222 -12.45 33.22 -15.86
C LYS B 222 -12.00 32.10 -16.81
N VAL B 223 -12.94 31.47 -17.47
CA VAL B 223 -12.63 30.36 -18.39
C VAL B 223 -11.94 30.87 -19.67
N GLU B 224 -12.40 32.01 -20.20
CA GLU B 224 -11.75 32.60 -21.37
C GLU B 224 -10.29 32.86 -21.09
N ARG B 225 -10.01 33.53 -19.95
CA ARG B 225 -8.64 33.84 -19.54
C ARG B 225 -7.82 32.55 -19.38
N LYS B 226 -8.43 31.52 -18.81
CA LYS B 226 -7.78 30.21 -18.72
C LYS B 226 -7.52 29.62 -20.09
N ASN B 227 -8.57 29.49 -20.90
CA ASN B 227 -8.46 28.97 -22.26
C ASN B 227 -7.45 29.72 -23.12
N SER B 228 -7.16 30.95 -22.73
CA SER B 228 -6.16 31.76 -23.39
C SER B 228 -4.76 31.33 -22.91
N ASP B 229 -4.58 31.29 -21.59
CA ASP B 229 -3.30 30.87 -20.99
C ASP B 229 -2.83 29.60 -21.67
N ILE B 230 -3.74 28.63 -21.84
CA ILE B 230 -3.43 27.32 -22.41
C ILE B 230 -2.82 27.41 -23.79
N LYS B 231 -3.54 28.05 -24.71
CA LYS B 231 -3.10 28.23 -26.09
C LYS B 231 -1.68 28.79 -26.15
N ARG B 232 -1.44 29.85 -25.38
CA ARG B 232 -0.12 30.45 -25.29
C ARG B 232 0.84 29.49 -24.64
N LEU B 233 0.50 29.00 -23.46
CA LEU B 233 1.37 28.07 -22.77
C LEU B 233 1.81 26.94 -23.68
N LEU B 234 0.86 26.38 -24.44
CA LEU B 234 1.15 25.39 -25.46
C LEU B 234 2.16 25.91 -26.48
N THR B 235 1.82 26.98 -27.19
CA THR B 235 2.68 27.51 -28.26
C THR B 235 4.09 27.80 -27.78
N LYS B 236 4.22 28.30 -26.56
CA LYS B 236 5.54 28.69 -26.02
C LYS B 236 6.46 27.49 -25.86
N LEU B 237 5.87 26.30 -25.73
CA LEU B 237 6.64 25.06 -25.55
C LEU B 237 6.35 24.05 -26.68
N LEU B 238 5.44 24.43 -27.56
CA LEU B 238 5.15 23.69 -28.78
C LEU B 238 5.93 24.35 -29.95
N VAL B 239 6.85 25.25 -29.59
CA VAL B 239 7.93 25.69 -30.48
C VAL B 239 9.23 25.30 -29.78
N GLY B 240 10.33 25.24 -30.54
CA GLY B 240 11.55 24.59 -30.07
C GLY B 240 11.42 23.07 -30.15
N ARG B 241 10.39 22.52 -29.50
CA ARG B 241 10.10 21.07 -29.50
C ARG B 241 8.64 20.75 -29.91
N PRO B 242 8.32 20.96 -31.22
CA PRO B 242 6.93 20.99 -31.71
C PRO B 242 6.27 19.60 -31.77
N THR B 243 7.04 18.58 -31.40
CA THR B 243 6.69 17.19 -31.71
C THR B 243 6.81 16.32 -30.47
N LYS B 244 7.31 16.90 -29.38
CA LYS B 244 7.50 16.20 -28.13
C LYS B 244 6.46 16.66 -27.12
N TRP B 245 5.37 17.25 -27.59
CA TRP B 245 4.37 17.86 -26.71
C TRP B 245 3.49 16.86 -25.98
N TYR B 246 3.46 15.62 -26.43
CA TYR B 246 2.67 14.61 -25.73
C TYR B 246 3.16 14.39 -24.29
N ASP B 247 4.46 14.19 -24.12
CA ASP B 247 5.09 13.97 -22.81
C ASP B 247 4.99 15.18 -21.91
N LEU B 248 4.83 16.35 -22.51
CA LEU B 248 4.73 17.58 -21.73
C LEU B 248 3.33 17.89 -21.17
N LEU B 249 2.31 17.19 -21.64
CA LEU B 249 0.96 17.46 -21.16
C LEU B 249 0.84 17.39 -19.62
N PRO B 250 1.45 16.38 -18.99
CA PRO B 250 1.39 16.39 -17.54
C PRO B 250 1.99 17.65 -16.91
N VAL B 251 3.13 18.09 -17.42
CA VAL B 251 3.79 19.29 -16.90
C VAL B 251 2.95 20.52 -17.16
N VAL B 252 2.30 20.58 -18.32
CA VAL B 252 1.50 21.74 -18.67
C VAL B 252 0.32 21.83 -17.73
N GLN B 253 -0.34 20.71 -17.54
CA GLN B 253 -1.53 20.65 -16.73
C GLN B 253 -1.23 21.13 -15.32
N LEU B 254 -0.18 20.59 -14.68
CA LEU B 254 0.17 21.03 -13.33
C LEU B 254 0.37 22.52 -13.31
N ALA B 255 1.09 23.06 -14.30
CA ALA B 255 1.40 24.49 -14.32
C ALA B 255 0.13 25.30 -14.26
N LEU B 256 -0.76 25.07 -15.23
CA LEU B 256 -2.08 25.67 -15.23
C LEU B 256 -2.78 25.58 -13.88
N ASN B 257 -2.84 24.38 -13.30
CA ASN B 257 -3.69 24.15 -12.13
C ASN B 257 -3.10 24.70 -10.82
N ASN B 258 -1.83 25.07 -10.86
CA ASN B 258 -1.18 25.71 -9.72
C ASN B 258 -0.74 27.13 -10.03
N THR B 259 -1.54 27.82 -10.85
CA THR B 259 -1.31 29.21 -11.19
C THR B 259 -2.32 30.09 -10.47
N TYR B 260 -1.81 31.09 -9.76
CA TYR B 260 -2.66 32.03 -9.02
C TYR B 260 -3.62 32.78 -9.93
N SER B 261 -4.92 32.68 -9.59
CA SER B 261 -5.96 33.60 -10.11
C SER B 261 -5.91 35.00 -9.41
N PRO B 262 -5.67 36.07 -10.20
CA PRO B 262 -5.66 37.42 -9.61
C PRO B 262 -6.98 37.78 -8.90
N VAL B 263 -8.10 37.21 -9.37
CA VAL B 263 -9.38 37.13 -8.61
C VAL B 263 -9.32 35.85 -7.76
N LEU B 264 -9.55 36.01 -6.46
CA LEU B 264 -9.47 34.91 -5.46
C LEU B 264 -8.07 34.69 -4.85
N LYS B 265 -7.02 34.88 -5.65
CA LYS B 265 -5.67 34.36 -5.35
C LYS B 265 -5.70 33.02 -4.59
N TYR B 266 -6.56 32.13 -5.10
CA TYR B 266 -6.42 30.70 -4.92
C TYR B 266 -6.11 30.13 -6.27
N THR B 267 -5.34 29.04 -6.27
CA THR B 267 -5.05 28.32 -7.49
C THR B 267 -6.19 27.32 -7.69
N PRO B 268 -6.48 26.94 -8.95
CA PRO B 268 -7.45 25.88 -9.23
C PRO B 268 -7.23 24.63 -8.33
N HIS B 269 -5.98 24.28 -8.09
CA HIS B 269 -5.69 23.16 -7.24
C HIS B 269 -6.31 23.41 -5.87
N GLN B 270 -6.10 24.59 -5.32
CA GLN B 270 -6.59 24.87 -3.99
C GLN B 270 -8.10 24.87 -3.90
N LEU B 271 -8.76 25.41 -4.90
CA LEU B 271 -10.20 25.47 -4.89
C LEU B 271 -10.81 24.09 -5.10
N LEU B 272 -10.04 23.21 -5.74
CA LEU B 272 -10.55 21.91 -6.01
C LEU B 272 -10.42 20.97 -4.82
N PHE B 273 -9.25 20.99 -4.18
CA PHE B 273 -8.94 20.05 -3.15
C PHE B 273 -8.87 20.69 -1.78
N GLY B 274 -8.85 22.02 -1.72
CA GLY B 274 -8.88 22.70 -0.44
C GLY B 274 -7.63 22.57 0.42
N ILE B 275 -6.50 22.37 -0.24
CA ILE B 275 -5.19 22.31 0.40
C ILE B 275 -4.17 22.98 -0.52
N ASP B 276 -2.97 23.19 -0.02
CA ASP B 276 -1.88 23.65 -0.87
C ASP B 276 -1.34 22.46 -1.64
N SER B 277 -0.67 22.70 -2.76
CA SER B 277 -0.13 21.59 -3.56
C SER B 277 1.36 21.37 -3.29
N ASN B 278 1.88 20.19 -3.61
CA ASN B 278 3.31 19.92 -3.42
C ASN B 278 4.18 20.39 -4.57
N THR B 279 3.53 20.84 -5.64
CA THR B 279 4.21 21.50 -6.73
C THR B 279 3.61 22.91 -6.90
N PRO B 280 4.14 23.90 -6.15
CA PRO B 280 3.68 25.28 -6.33
C PRO B 280 4.39 25.96 -7.53
N PHE B 281 3.78 27.01 -8.09
CA PHE B 281 4.38 27.77 -9.18
C PHE B 281 4.24 29.27 -8.94
ZN ZN E . 17.77 -30.83 17.59
MG MG F . 2.12 -6.74 -4.57
N NH4 G . 2.76 7.42 12.40
C1 GOL H . 10.07 -2.64 -16.70
O1 GOL H . 9.81 -2.88 -18.06
C2 GOL H . 10.70 -3.86 -16.01
O2 GOL H . 10.04 -4.17 -14.79
C3 GOL H . 12.21 -3.64 -15.81
O3 GOL H . 12.58 -3.47 -14.44
C1 GOL I . -12.32 -10.00 -22.17
O1 GOL I . -13.23 -11.08 -22.12
C2 GOL I . -12.33 -9.35 -23.53
O2 GOL I . -13.50 -8.57 -23.63
C3 GOL I . -12.32 -10.40 -24.62
O3 GOL I . -11.00 -10.89 -24.79
C1 GOL J . 14.23 -1.41 -1.25
O1 GOL J . 14.77 -0.92 -2.46
C2 GOL J . 14.84 -0.71 -0.04
O2 GOL J . 15.74 -1.61 0.56
C3 GOL J . 13.75 -0.40 0.99
O3 GOL J . 14.24 0.00 2.25
C1 GOL K . 20.36 -19.04 4.78
O1 GOL K . 20.50 -20.40 5.12
C2 GOL K . 20.94 -18.19 5.90
O2 GOL K . 22.31 -18.50 6.08
C3 GOL K . 20.30 -18.56 7.21
O3 GOL K . 21.03 -19.71 7.54
MG MG L . -13.45 23.92 -31.38
C1 GOL M . -6.11 26.40 0.12
O1 GOL M . -4.91 26.60 0.84
C2 GOL M . -7.26 26.93 0.95
O2 GOL M . -7.41 26.11 2.09
C3 GOL M . -8.56 26.97 0.17
O3 GOL M . -9.47 27.82 0.87
#